data_2P5Z
#
_entry.id   2P5Z
#
_cell.length_a   116.351
_cell.length_b   116.351
_cell.length_c   80.584
_cell.angle_alpha   90.000
_cell.angle_beta   90.000
_cell.angle_gamma   120.000
#
_symmetry.space_group_name_H-M   'P 63'
#
loop_
_entity.id
_entity.type
_entity.pdbx_description
1 polymer 'Type VI secretion system component'
2 water water
#
_entity_poly.entity_id   1
_entity_poly.type   'polypeptide(L)'
_entity_poly.pdbx_seq_one_letter_code
;MSLEALMNVQFFDHAHHKLKIRGLQSPVDVLTFEGREQLSTPFRYDIQFTSSDKAIAPESVLMQDGAFSLTAPPVQGMPV
QTALRTLHGVITGFKHLSSSQDEARYEVRLEPRMALLTRSRQNAIYQNQTVPQIVEKILRERHQMRGQDFVFNLKSEYPA
REQVMQYGEDDLTFVSRLLSEVGIWFRFATDARLKIEVIEFYDDQSGYERGLTLPLRHPSGLFDGETEAVWGLNTAYSVV
EKSVSTRDYNYREATAEMTTGQHDATGGDNTTYGEAYHYADNFLQQGDKEAAESGAFYARIRHERYLNEQAILKGQSTSS
LLMPGLEIKVQGDDAPAVFRKGVLITGVTTSAARDRSYELTFTAIPYSERYGYRPALIPRPVMAGTLPARVTSTVKNDIY
AHIDKDGRYRVNLDFDRDTWKPGYESLWVRQSRPYAGDTYGLHLPLLAGTEVSIAFEEGNPDRPYIAGVKHDSAHTDHVT
IQNEGHHHHHH
;
_entity_poly.pdbx_strand_id   X
#
# COMPACT_ATOMS: atom_id res chain seq x y z
N HIS A 17 18.20 9.95 -16.75
CA HIS A 17 17.54 9.86 -15.42
C HIS A 17 17.92 10.99 -14.47
N LYS A 18 16.90 11.68 -13.95
CA LYS A 18 17.11 12.81 -13.05
C LYS A 18 16.43 12.60 -11.69
N LEU A 19 17.06 13.15 -10.66
CA LEU A 19 16.56 13.06 -9.33
C LEU A 19 16.61 14.46 -8.78
N LYS A 20 15.44 14.97 -8.37
CA LYS A 20 15.37 16.28 -7.73
C LYS A 20 14.91 16.11 -6.33
N ILE A 21 15.71 16.56 -5.39
CA ILE A 21 15.32 16.60 -4.01
C ILE A 21 15.18 18.06 -3.59
N ARG A 22 13.97 18.46 -3.19
CA ARG A 22 13.67 19.84 -2.80
C ARG A 22 14.61 20.42 -1.73
N GLY A 23 15.20 21.57 -2.07
CA GLY A 23 16.01 22.34 -1.14
C GLY A 23 17.48 22.02 -1.23
N LEU A 24 17.87 21.14 -2.15
CA LEU A 24 19.23 20.63 -2.13
C LEU A 24 20.15 21.38 -3.08
N GLN A 25 21.18 22.02 -2.53
CA GLN A 25 22.07 22.82 -3.36
C GLN A 25 23.09 21.94 -4.05
N SER A 26 23.50 20.90 -3.35
CA SER A 26 24.43 19.93 -3.89
C SER A 26 23.92 19.36 -5.20
N PRO A 27 24.76 19.37 -6.24
CA PRO A 27 24.46 18.81 -7.55
C PRO A 27 24.23 17.32 -7.44
N VAL A 28 23.23 16.81 -8.14
CA VAL A 28 22.91 15.40 -8.03
C VAL A 28 23.01 14.75 -9.40
N ASP A 29 23.97 13.84 -9.52
CA ASP A 29 24.21 13.17 -10.78
C ASP A 29 24.00 11.66 -10.62
N VAL A 30 22.92 11.16 -11.23
CA VAL A 30 22.51 9.77 -11.02
C VAL A 30 23.51 8.77 -11.57
N LEU A 31 24.07 7.97 -10.66
CA LEU A 31 25.01 6.91 -11.00
C LEU A 31 24.26 5.67 -11.42
N THR A 32 23.66 4.99 -10.45
CA THR A 32 22.83 3.81 -10.74
C THR A 32 21.54 3.79 -9.90
N PHE A 33 20.54 3.04 -10.35
CA PHE A 33 19.36 2.84 -9.54
C PHE A 33 18.70 1.47 -9.65
N GLU A 34 17.96 1.13 -8.60
CA GLU A 34 17.13 -0.06 -8.57
C GLU A 34 15.77 0.34 -7.98
N GLY A 35 14.70 0.01 -8.71
CA GLY A 35 13.34 0.34 -8.30
C GLY A 35 12.39 -0.87 -8.25
N ARG A 36 11.38 -0.80 -7.38
CA ARG A 36 10.34 -1.83 -7.26
C ARG A 36 8.97 -1.16 -7.14
N GLU A 37 8.06 -1.54 -8.02
CA GLU A 37 6.70 -1.09 -8.00
C GLU A 37 5.85 -2.33 -8.08
N GLN A 38 4.71 -2.29 -7.40
CA GLN A 38 3.79 -3.41 -7.33
C GLN A 38 2.46 -2.86 -6.84
N LEU A 39 1.38 -3.38 -7.41
CA LEU A 39 0.02 -3.10 -6.96
C LEU A 39 -0.17 -3.37 -5.47
N SER A 40 -0.94 -2.49 -4.82
CA SER A 40 -1.29 -2.59 -3.40
C SER A 40 -0.15 -2.59 -2.44
N THR A 41 0.95 -1.96 -2.86
CA THR A 41 2.09 -1.76 -1.97
C THR A 41 2.79 -0.47 -2.40
N PRO A 42 3.35 0.28 -1.44
CA PRO A 42 4.07 1.48 -1.84
C PRO A 42 5.39 1.15 -2.56
N PHE A 43 5.69 1.89 -3.63
CA PHE A 43 6.90 1.66 -4.40
C PHE A 43 8.16 1.94 -3.60
N ARG A 44 9.29 1.42 -4.07
CA ARG A 44 10.57 1.71 -3.41
C ARG A 44 11.68 1.91 -4.44
N TYR A 45 12.42 3.01 -4.37
CA TYR A 45 13.52 3.23 -5.33
C TYR A 45 14.83 3.59 -4.64
N ASP A 46 15.81 2.72 -4.74
CA ASP A 46 17.14 3.03 -4.23
C ASP A 46 17.98 3.62 -5.35
N ILE A 47 18.33 4.89 -5.19
CA ILE A 47 18.95 5.70 -6.24
C ILE A 47 20.33 6.13 -5.82
N GLN A 48 21.35 5.68 -6.54
CA GLN A 48 22.71 6.15 -6.28
C GLN A 48 23.03 7.35 -7.12
N PHE A 49 23.81 8.25 -6.55
CA PHE A 49 24.23 9.42 -7.27
C PHE A 49 25.62 9.91 -6.85
N THR A 50 26.23 10.70 -7.71
CA THR A 50 27.50 11.34 -7.34
C THR A 50 27.27 12.82 -7.23
N SER A 51 28.11 13.46 -6.42
CA SER A 51 28.04 14.89 -6.20
C SER A 51 29.42 15.48 -5.91
N SER A 52 29.62 16.75 -6.29
CA SER A 52 30.84 17.50 -5.98
C SER A 52 30.93 17.79 -4.49
N ASP A 53 29.77 17.85 -3.84
CA ASP A 53 29.70 18.02 -2.40
C ASP A 53 30.08 16.71 -1.69
N LYS A 54 31.20 16.73 -0.99
CA LYS A 54 31.70 15.56 -0.29
C LYS A 54 31.21 15.46 1.16
N ALA A 55 30.17 16.24 1.50
CA ALA A 55 29.60 16.25 2.85
C ALA A 55 28.14 16.63 2.87
N ILE A 56 27.32 16.04 1.99
CA ILE A 56 25.87 16.20 2.08
C ILE A 56 25.42 15.62 3.41
N ALA A 57 24.73 16.43 4.20
CA ALA A 57 24.27 16.08 5.54
C ALA A 57 22.86 15.45 5.49
N PRO A 58 22.64 14.34 6.23
CA PRO A 58 21.34 13.65 6.20
C PRO A 58 20.13 14.57 6.42
N GLU A 59 20.29 15.55 7.30
CA GLU A 59 19.22 16.52 7.59
C GLU A 59 18.78 17.36 6.38
N SER A 60 19.66 17.52 5.39
CA SER A 60 19.33 18.23 4.15
C SER A 60 18.46 17.38 3.23
N VAL A 61 18.29 16.11 3.55
CA VAL A 61 17.78 15.17 2.57
C VAL A 61 16.61 14.35 3.11
N LEU A 62 16.73 13.83 4.34
CA LEU A 62 15.69 13.00 4.97
C LEU A 62 14.40 13.76 5.18
N MET A 63 13.31 13.11 4.80
CA MET A 63 11.95 13.68 4.84
C MET A 63 11.65 14.77 3.80
N GLN A 64 12.65 15.22 3.05
CA GLN A 64 12.41 16.08 1.86
C GLN A 64 11.71 15.39 0.69
N ASP A 65 11.00 16.20 -0.10
CA ASP A 65 10.33 15.74 -1.33
C ASP A 65 11.36 15.35 -2.37
N GLY A 66 11.01 14.36 -3.17
CA GLY A 66 11.91 13.88 -4.16
C GLY A 66 11.14 13.55 -5.40
N ALA A 67 11.75 13.79 -6.55
CA ALA A 67 11.12 13.43 -7.81
C ALA A 67 12.17 12.70 -8.65
N PHE A 68 11.80 11.57 -9.22
CA PHE A 68 12.73 10.80 -10.01
C PHE A 68 12.13 10.58 -11.39
N SER A 69 12.86 10.99 -12.43
CA SER A 69 12.29 10.93 -13.79
C SER A 69 13.13 10.13 -14.75
N LEU A 70 12.46 9.56 -15.75
CA LEU A 70 13.14 9.06 -16.94
C LEU A 70 13.02 10.12 -18.03
N THR A 71 14.18 10.59 -18.49
CA THR A 71 14.27 11.69 -19.47
C THR A 71 14.11 11.20 -20.92
N ALA A 72 13.48 12.03 -21.76
CA ALA A 72 13.23 11.69 -23.16
C ALA A 72 14.44 12.01 -24.03
N ALA A 83 11.19 13.30 -18.79
CA ALA A 83 9.88 13.77 -19.21
C ALA A 83 8.95 12.59 -19.52
N LEU A 84 9.47 11.38 -19.50
CA LEU A 84 8.68 10.20 -19.90
C LEU A 84 7.77 9.68 -18.80
N ARG A 85 8.30 9.59 -17.58
CA ARG A 85 7.56 9.14 -16.40
C ARG A 85 8.29 9.63 -15.15
N THR A 86 7.54 10.12 -14.16
CA THR A 86 8.12 10.59 -12.92
C THR A 86 7.55 9.86 -11.68
N LEU A 87 8.41 9.55 -10.72
CA LEU A 87 7.96 9.07 -9.42
C LEU A 87 8.05 10.19 -8.38
N HIS A 88 6.92 10.56 -7.79
CA HIS A 88 6.94 11.55 -6.71
C HIS A 88 6.82 10.90 -5.33
N GLY A 89 7.58 11.43 -4.38
CA GLY A 89 7.60 10.85 -3.08
C GLY A 89 8.50 11.58 -2.11
N VAL A 90 8.86 10.89 -1.02
CA VAL A 90 9.74 11.42 0.02
C VAL A 90 10.99 10.58 0.14
N ILE A 91 12.01 11.20 0.68
CA ILE A 91 13.27 10.55 0.90
C ILE A 91 13.26 9.97 2.29
N THR A 92 13.36 8.65 2.32
CA THR A 92 13.22 7.85 3.53
C THR A 92 14.58 7.49 4.14
N GLY A 93 15.59 7.33 3.29
CA GLY A 93 16.88 6.85 3.73
C GLY A 93 17.98 7.57 3.01
N PHE A 94 19.13 7.67 3.65
CA PHE A 94 20.22 8.37 3.06
C PHE A 94 21.49 7.66 3.43
N LYS A 95 22.35 7.46 2.44
CA LYS A 95 23.64 6.84 2.67
C LYS A 95 24.76 7.64 2.00
N HIS A 96 25.83 7.89 2.73
CA HIS A 96 27.06 8.32 2.07
C HIS A 96 27.89 7.07 1.81
N LEU A 97 28.15 6.75 0.55
CA LEU A 97 28.81 5.48 0.21
C LEU A 97 30.34 5.50 0.14
N SER A 98 30.92 6.51 -0.51
CA SER A 98 32.38 6.62 -0.65
C SER A 98 32.74 8.03 -1.02
N SER A 99 34.04 8.31 -1.05
CA SER A 99 34.52 9.62 -1.46
C SER A 99 35.77 9.48 -2.28
N SER A 100 35.83 10.21 -3.38
CA SER A 100 37.05 10.29 -4.15
C SER A 100 37.75 11.60 -3.82
N GLN A 101 38.72 11.94 -4.68
CA GLN A 101 39.44 13.20 -4.62
C GLN A 101 38.48 14.34 -4.94
N ASP A 102 37.56 14.12 -5.87
CA ASP A 102 36.72 15.21 -6.36
C ASP A 102 35.21 15.01 -6.20
N GLU A 103 34.80 13.81 -5.81
CA GLU A 103 33.39 13.56 -5.63
C GLU A 103 33.06 12.62 -4.47
N ALA A 104 31.78 12.48 -4.19
CA ALA A 104 31.31 11.49 -3.25
C ALA A 104 30.13 10.76 -3.84
N ARG A 105 29.94 9.52 -3.42
CA ARG A 105 28.85 8.67 -3.90
C ARG A 105 27.81 8.60 -2.80
N TYR A 106 26.54 8.69 -3.16
CA TYR A 106 25.46 8.72 -2.19
C TYR A 106 24.33 7.82 -2.61
N GLU A 107 23.50 7.40 -1.64
CA GLU A 107 22.27 6.70 -1.99
C GLU A 107 21.06 7.27 -1.26
N VAL A 108 19.93 7.35 -1.96
CA VAL A 108 18.69 7.69 -1.31
C VAL A 108 17.59 6.68 -1.61
N ARG A 109 16.68 6.51 -0.65
CA ARG A 109 15.50 5.69 -0.86
C ARG A 109 14.33 6.61 -1.11
N LEU A 110 13.61 6.39 -2.20
CA LEU A 110 12.48 7.22 -2.53
C LEU A 110 11.22 6.37 -2.46
N GLU A 111 10.31 6.76 -1.57
CA GLU A 111 9.06 6.06 -1.37
C GLU A 111 7.95 7.10 -1.43
N PRO A 112 6.71 6.67 -1.70
CA PRO A 112 5.63 7.65 -1.64
C PRO A 112 5.28 7.96 -0.16
N ARG A 113 4.44 8.96 0.05
CA ARG A 113 4.13 9.41 1.40
C ARG A 113 3.37 8.31 2.18
N MET A 114 2.56 7.53 1.45
CA MET A 114 1.89 6.36 2.01
C MET A 114 2.81 5.45 2.79
N ALA A 115 4.03 5.21 2.32
CA ALA A 115 5.02 4.42 3.09
C ALA A 115 5.20 4.92 4.52
N LEU A 116 4.96 6.20 4.77
CA LEU A 116 5.16 6.75 6.12
C LEU A 116 4.12 6.29 7.13
N LEU A 117 3.02 5.70 6.68
CA LEU A 117 2.03 5.06 7.57
C LEU A 117 2.62 3.93 8.41
N THR A 118 3.83 3.50 8.09
CA THR A 118 4.51 2.45 8.83
C THR A 118 5.08 3.04 10.12
N ARG A 119 5.18 4.36 10.16
CA ARG A 119 5.78 5.03 11.30
C ARG A 119 4.85 5.30 12.48
N SER A 120 3.55 5.00 12.33
CA SER A 120 2.61 5.20 13.42
C SER A 120 1.79 3.96 13.73
N ARG A 121 1.81 3.54 14.99
CA ARG A 121 1.13 2.30 15.42
C ARG A 121 0.29 2.46 16.69
N GLN A 122 -0.82 3.17 16.58
CA GLN A 122 -1.71 3.33 17.72
C GLN A 122 -2.90 2.39 17.65
N ASN A 123 -3.37 1.95 18.81
CA ASN A 123 -4.61 1.16 18.88
C ASN A 123 -5.88 2.00 18.74
N ALA A 124 -6.87 1.49 18.01
CA ALA A 124 -8.10 2.24 17.81
C ALA A 124 -9.29 1.37 17.49
N ILE A 125 -10.48 1.82 17.90
CA ILE A 125 -11.73 1.13 17.52
C ILE A 125 -12.58 2.10 16.71
N TYR A 126 -12.91 1.70 15.49
CA TYR A 126 -13.57 2.57 14.55
C TYR A 126 -14.99 2.13 14.56
N GLN A 127 -15.90 3.10 14.55
CA GLN A 127 -17.29 2.89 14.93
C GLN A 127 -18.19 3.26 13.75
N ASN A 128 -18.97 2.30 13.24
CA ASN A 128 -19.94 2.53 12.14
C ASN A 128 -19.37 3.09 10.85
N GLN A 129 -18.30 2.46 10.36
CA GLN A 129 -17.72 2.89 9.10
C GLN A 129 -17.66 1.76 8.11
N THR A 130 -17.52 2.13 6.85
CA THR A 130 -17.14 1.17 5.82
C THR A 130 -15.61 1.09 5.82
N VAL A 131 -15.07 0.02 5.25
CA VAL A 131 -13.62 -0.07 5.04
C VAL A 131 -13.02 1.21 4.36
N PRO A 132 -13.59 1.66 3.22
CA PRO A 132 -13.08 2.92 2.64
C PRO A 132 -13.07 4.13 3.56
N GLN A 133 -14.14 4.30 4.34
CA GLN A 133 -14.21 5.44 5.26
C GLN A 133 -13.12 5.36 6.33
N ILE A 134 -12.91 4.17 6.89
CA ILE A 134 -11.79 3.94 7.81
C ILE A 134 -10.45 4.30 7.15
N VAL A 135 -10.25 3.80 5.92
CA VAL A 135 -9.01 4.06 5.19
C VAL A 135 -8.83 5.56 4.94
N GLU A 136 -9.86 6.19 4.40
CA GLU A 136 -9.85 7.65 4.27
C GLU A 136 -9.57 8.42 5.59
N LYS A 137 -10.15 7.95 6.70
CA LYS A 137 -9.87 8.54 8.00
C LYS A 137 -8.39 8.45 8.34
N ILE A 138 -7.82 7.25 8.23
CA ILE A 138 -6.39 7.05 8.52
C ILE A 138 -5.49 7.97 7.67
N LEU A 139 -5.82 8.06 6.38
CA LEU A 139 -5.15 8.97 5.45
C LEU A 139 -5.25 10.44 5.88
N ARG A 140 -6.48 10.90 6.13
CA ARG A 140 -6.70 12.32 6.46
C ARG A 140 -6.30 12.73 7.88
N GLU A 141 -6.59 11.90 8.87
CA GLU A 141 -6.37 12.31 10.26
C GLU A 141 -4.93 12.27 10.69
N ARG A 142 -4.37 11.08 10.78
CA ARG A 142 -2.98 10.92 11.21
C ARG A 142 -1.94 11.32 10.14
N HIS A 143 -2.31 11.39 8.87
CA HIS A 143 -1.27 11.57 7.86
C HIS A 143 -1.34 12.83 6.98
N GLN A 144 -2.37 13.66 7.24
CA GLN A 144 -2.61 14.96 6.58
C GLN A 144 -2.77 14.91 5.07
N MET A 145 -3.37 13.84 4.58
CA MET A 145 -3.55 13.70 3.16
C MET A 145 -4.91 14.29 2.78
N ARG A 146 -5.00 14.87 1.57
CA ARG A 146 -6.03 15.86 1.26
C ARG A 146 -6.83 15.70 -0.01
N GLY A 147 -7.38 14.55 -0.35
CA GLY A 147 -8.31 14.50 -1.50
C GLY A 147 -7.69 14.62 -2.90
N GLN A 148 -6.66 15.46 -3.00
CA GLN A 148 -5.81 15.49 -4.16
C GLN A 148 -4.81 14.33 -4.05
N ASP A 149 -4.47 13.94 -2.82
CA ASP A 149 -3.47 12.90 -2.59
C ASP A 149 -3.96 11.45 -2.81
N PHE A 150 -5.26 11.24 -3.00
CA PHE A 150 -5.86 9.90 -3.16
C PHE A 150 -7.25 10.03 -3.74
N VAL A 151 -7.81 8.93 -4.25
CA VAL A 151 -9.12 8.92 -4.91
C VAL A 151 -9.65 7.49 -4.87
N PHE A 152 -10.94 7.32 -4.58
CA PHE A 152 -11.59 6.02 -4.61
C PHE A 152 -12.46 5.91 -5.85
N ASN A 153 -12.32 4.84 -6.62
CA ASN A 153 -13.22 4.56 -7.76
C ASN A 153 -13.74 3.14 -7.63
N LEU A 154 -14.52 2.91 -6.59
CA LEU A 154 -14.99 1.57 -6.31
C LEU A 154 -16.27 1.29 -7.08
N LYS A 155 -16.43 0.07 -7.56
CA LYS A 155 -17.63 -0.28 -8.29
C LYS A 155 -18.62 -0.95 -7.35
N SER A 156 -18.12 -1.82 -6.48
CA SER A 156 -18.95 -2.45 -5.46
C SER A 156 -19.32 -1.50 -4.32
N GLU A 157 -20.36 -1.85 -3.57
CA GLU A 157 -20.79 -1.07 -2.41
C GLU A 157 -20.36 -1.76 -1.13
N TYR A 158 -19.86 -0.98 -0.18
CA TYR A 158 -19.28 -1.56 1.02
C TYR A 158 -20.13 -1.25 2.23
N PRO A 159 -20.58 -2.29 2.94
CA PRO A 159 -21.38 -2.19 4.15
C PRO A 159 -20.68 -1.41 5.24
N ALA A 160 -21.46 -0.73 6.06
CA ALA A 160 -20.93 -0.15 7.28
C ALA A 160 -20.61 -1.29 8.24
N ARG A 161 -19.51 -1.17 8.96
CA ARG A 161 -19.15 -2.17 9.96
C ARG A 161 -19.39 -1.52 11.29
N GLU A 162 -19.94 -2.26 12.22
CA GLU A 162 -20.30 -1.67 13.50
C GLU A 162 -19.06 -1.24 14.25
N GLN A 163 -18.17 -2.18 14.53
CA GLN A 163 -16.90 -1.90 15.19
C GLN A 163 -15.74 -2.58 14.47
N VAL A 164 -14.62 -1.88 14.33
CA VAL A 164 -13.43 -2.45 13.69
C VAL A 164 -12.23 -2.05 14.52
N MET A 165 -11.52 -3.05 15.04
CA MET A 165 -10.36 -2.80 15.90
C MET A 165 -9.00 -2.81 15.16
N GLN A 166 -8.19 -1.80 15.45
CA GLN A 166 -6.77 -1.81 15.10
C GLN A 166 -5.98 -2.04 16.38
N TYR A 167 -5.33 -3.19 16.50
CA TYR A 167 -4.53 -3.46 17.69
C TYR A 167 -3.17 -4.06 17.29
N GLY A 168 -2.10 -3.46 17.78
CA GLY A 168 -0.72 -3.89 17.49
C GLY A 168 -0.38 -3.96 16.00
N GLU A 169 -0.78 -2.93 15.25
CA GLU A 169 -0.64 -2.89 13.82
C GLU A 169 -0.28 -1.47 13.45
N ASP A 170 0.73 -1.28 12.62
CA ASP A 170 1.03 0.06 12.12
C ASP A 170 -0.07 0.43 11.14
N ASP A 171 -0.20 1.71 10.83
CA ASP A 171 -1.28 2.16 9.96
C ASP A 171 -1.25 1.49 8.60
N LEU A 172 -0.06 1.27 8.02
CA LEU A 172 0.04 0.64 6.70
C LEU A 172 -0.46 -0.79 6.70
N THR A 173 -0.01 -1.57 7.68
CA THR A 173 -0.44 -2.96 7.79
C THR A 173 -1.95 -3.03 7.97
N PHE A 174 -2.47 -2.18 8.86
CA PHE A 174 -3.90 -2.15 9.17
C PHE A 174 -4.75 -1.86 7.94
N VAL A 175 -4.40 -0.77 7.25
CA VAL A 175 -5.09 -0.34 6.05
C VAL A 175 -5.04 -1.41 4.96
N SER A 176 -3.86 -1.99 4.74
CA SER A 176 -3.65 -2.96 3.68
C SER A 176 -4.43 -4.23 3.97
N ARG A 177 -4.43 -4.65 5.24
CA ARG A 177 -5.24 -5.80 5.67
C ARG A 177 -6.73 -5.60 5.39
N LEU A 178 -7.26 -4.42 5.76
CA LEU A 178 -8.68 -4.14 5.54
C LEU A 178 -9.05 -4.15 4.08
N LEU A 179 -8.23 -3.47 3.26
CA LEU A 179 -8.46 -3.46 1.82
C LEU A 179 -8.34 -4.86 1.20
N SER A 180 -7.38 -5.65 1.67
CA SER A 180 -7.17 -6.96 1.05
C SER A 180 -8.24 -7.98 1.40
N GLU A 181 -8.74 -7.92 2.64
N GLU A 181 -8.77 -7.92 2.63
CA GLU A 181 -9.77 -8.84 3.13
CA GLU A 181 -9.76 -8.90 3.07
C GLU A 181 -11.04 -8.70 2.32
C GLU A 181 -11.05 -8.72 2.29
N VAL A 182 -11.24 -7.52 1.76
CA VAL A 182 -12.43 -7.18 1.00
C VAL A 182 -12.05 -7.05 -0.49
N GLY A 183 -10.75 -7.20 -0.78
CA GLY A 183 -10.27 -7.29 -2.16
C GLY A 183 -10.18 -5.97 -2.92
N ILE A 184 -10.01 -4.87 -2.21
CA ILE A 184 -9.77 -3.57 -2.84
C ILE A 184 -8.27 -3.46 -3.08
N TRP A 185 -7.91 -2.87 -4.20
CA TRP A 185 -6.50 -2.69 -4.50
C TRP A 185 -6.17 -1.27 -4.88
N PHE A 186 -4.89 -0.94 -4.80
CA PHE A 186 -4.46 0.37 -5.21
C PHE A 186 -3.21 0.43 -6.10
N ARG A 187 -3.09 1.54 -6.82
CA ARG A 187 -1.87 1.87 -7.51
C ARG A 187 -1.56 3.34 -7.34
N PHE A 188 -0.36 3.72 -7.75
CA PHE A 188 0.06 5.10 -7.66
C PHE A 188 0.02 5.73 -9.05
N ALA A 189 -0.29 7.02 -9.10
CA ALA A 189 -0.34 7.74 -10.36
C ALA A 189 0.20 9.12 -10.12
N THR A 190 0.48 9.85 -11.19
CA THR A 190 1.13 11.14 -11.06
C THR A 190 0.17 12.26 -11.46
N ASP A 191 0.14 13.31 -10.64
CA ASP A 191 -0.60 14.51 -10.98
C ASP A 191 0.43 15.43 -11.63
N ALA A 192 0.30 15.58 -12.94
CA ALA A 192 1.20 16.42 -13.72
C ALA A 192 1.27 17.85 -13.19
N ARG A 193 0.10 18.46 -12.89
CA ARG A 193 0.04 19.86 -12.44
C ARG A 193 0.56 20.07 -11.03
N LEU A 194 0.15 19.21 -10.11
CA LEU A 194 0.49 19.43 -8.72
C LEU A 194 1.88 18.90 -8.39
N LYS A 195 2.39 18.01 -9.24
CA LYS A 195 3.70 17.34 -9.07
C LYS A 195 3.73 16.47 -7.81
N ILE A 196 2.78 15.55 -7.73
CA ILE A 196 2.65 14.71 -6.56
C ILE A 196 2.17 13.34 -7.01
N GLU A 197 2.40 12.37 -6.14
CA GLU A 197 1.87 11.02 -6.33
C GLU A 197 0.48 10.89 -5.68
N VAL A 198 -0.40 10.18 -6.36
CA VAL A 198 -1.80 10.04 -6.00
C VAL A 198 -2.11 8.54 -5.88
N ILE A 199 -2.64 8.12 -4.73
CA ILE A 199 -3.11 6.74 -4.51
C ILE A 199 -4.49 6.51 -5.10
N GLU A 200 -4.64 5.57 -6.02
CA GLU A 200 -5.94 5.35 -6.58
C GLU A 200 -6.40 3.99 -6.20
N PHE A 201 -7.57 3.91 -5.59
CA PHE A 201 -8.15 2.66 -5.14
C PHE A 201 -9.17 2.15 -6.14
N TYR A 202 -9.21 0.82 -6.34
CA TYR A 202 -10.17 0.19 -7.24
C TYR A 202 -10.50 -1.19 -6.72
N ASP A 203 -11.62 -1.75 -7.18
CA ASP A 203 -12.04 -3.10 -6.83
C ASP A 203 -12.36 -4.01 -8.02
N ASP A 204 -12.26 -3.47 -9.23
CA ASP A 204 -12.50 -4.30 -10.41
C ASP A 204 -11.65 -3.93 -11.63
N GLN A 205 -11.85 -4.69 -12.70
CA GLN A 205 -11.16 -4.54 -13.99
C GLN A 205 -11.33 -3.18 -14.69
N SER A 206 -12.31 -2.39 -14.28
CA SER A 206 -12.49 -1.05 -14.83
C SER A 206 -11.48 -0.06 -14.25
N GLY A 207 -10.62 -0.53 -13.36
CA GLY A 207 -9.55 0.31 -12.83
C GLY A 207 -8.27 0.20 -13.61
N TYR A 208 -8.23 -0.78 -14.51
CA TYR A 208 -7.05 -1.06 -15.32
C TYR A 208 -6.89 0.04 -16.35
N GLU A 209 -5.64 0.37 -16.66
CA GLU A 209 -5.40 1.38 -17.67
C GLU A 209 -5.09 0.74 -19.02
N ARG A 210 -5.88 1.12 -20.03
CA ARG A 210 -5.75 0.58 -21.38
C ARG A 210 -5.26 1.68 -22.32
N GLY A 211 -4.43 1.33 -23.31
CA GLY A 211 -3.94 -0.03 -23.51
C GLY A 211 -2.79 -0.04 -24.49
N LEU A 212 -1.57 -0.12 -23.96
CA LEU A 212 -0.36 -0.22 -24.77
C LEU A 212 -0.31 -1.51 -25.55
N THR A 213 0.37 -1.46 -26.68
CA THR A 213 0.69 -2.67 -27.44
C THR A 213 2.16 -2.63 -27.83
N LEU A 214 2.95 -3.43 -27.14
CA LEU A 214 4.33 -3.66 -27.55
C LEU A 214 4.30 -4.75 -28.63
N PRO A 215 5.37 -4.96 -29.42
CA PRO A 215 6.73 -5.32 -29.73
C PRO A 215 7.26 -6.67 -29.23
N LEU A 216 8.58 -6.82 -29.19
CA LEU A 216 9.36 -8.06 -29.46
C LEU A 216 10.15 -7.75 -30.72
N ARG A 217 11.50 -7.75 -30.78
CA ARG A 217 12.57 -7.70 -29.73
C ARG A 217 13.08 -8.99 -29.10
N THR A 227 14.51 2.61 -29.05
CA THR A 227 13.07 2.35 -29.19
C THR A 227 12.53 1.34 -28.16
N GLU A 228 11.24 1.42 -27.84
CA GLU A 228 10.64 0.71 -26.70
C GLU A 228 9.94 -0.61 -27.05
N ALA A 229 10.33 -1.69 -26.37
CA ALA A 229 9.85 -3.04 -26.72
C ALA A 229 9.77 -4.05 -25.56
N VAL A 230 9.27 -5.26 -25.86
CA VAL A 230 9.11 -6.34 -24.87
C VAL A 230 9.84 -7.63 -25.29
N TRP A 231 10.33 -8.43 -24.34
CA TRP A 231 11.01 -9.71 -24.65
C TRP A 231 11.15 -10.61 -23.42
N GLY A 232 11.63 -11.83 -23.63
CA GLY A 232 11.89 -12.77 -22.53
C GLY A 232 10.63 -13.31 -21.86
N LEU A 233 9.54 -13.39 -22.60
CA LEU A 233 8.24 -13.75 -22.06
C LEU A 233 8.21 -15.16 -21.54
N ASN A 234 7.60 -15.33 -20.37
CA ASN A 234 7.48 -16.63 -19.72
C ASN A 234 6.26 -16.73 -18.79
N THR A 235 5.84 -17.97 -18.51
CA THR A 235 4.64 -18.21 -17.73
C THR A 235 4.93 -19.16 -16.62
N ALA A 236 4.04 -19.19 -15.64
CA ALA A 236 4.13 -20.11 -14.51
C ALA A 236 2.71 -20.40 -14.06
N TYR A 237 2.43 -21.68 -13.84
CA TYR A 237 1.09 -22.10 -13.45
C TYR A 237 1.30 -23.13 -12.39
N SER A 238 0.50 -23.04 -11.34
CA SER A 238 0.71 -23.88 -10.19
C SER A 238 -0.59 -24.54 -9.81
N VAL A 239 -0.51 -25.41 -8.81
CA VAL A 239 -1.64 -26.17 -8.31
C VAL A 239 -1.42 -26.51 -6.83
N SER A 294 -22.60 -10.48 1.08
CA SER A 294 -21.36 -9.91 1.65
C SER A 294 -20.81 -10.64 2.89
N GLY A 295 -20.71 -11.98 2.87
CA GLY A 295 -21.03 -12.83 1.73
C GLY A 295 -20.27 -14.15 1.72
N ALA A 296 -20.06 -14.82 0.57
CA ALA A 296 -20.74 -14.70 -0.77
C ALA A 296 -19.96 -14.54 -2.11
N PHE A 297 -19.58 -13.34 -2.58
CA PHE A 297 -18.75 -12.29 -1.95
C PHE A 297 -17.43 -12.63 -1.33
N TYR A 298 -17.39 -12.96 -0.06
CA TYR A 298 -16.13 -13.33 0.57
C TYR A 298 -15.58 -14.61 -0.06
N ALA A 299 -16.50 -15.48 -0.48
CA ALA A 299 -16.14 -16.67 -1.22
C ALA A 299 -15.74 -16.31 -2.66
N ARG A 300 -16.32 -15.24 -3.20
CA ARG A 300 -16.03 -14.78 -4.55
C ARG A 300 -14.65 -14.11 -4.61
N ILE A 301 -14.37 -13.25 -3.63
CA ILE A 301 -13.08 -12.60 -3.48
C ILE A 301 -11.98 -13.65 -3.29
N ARG A 302 -12.21 -14.62 -2.40
CA ARG A 302 -11.19 -15.63 -2.10
C ARG A 302 -10.91 -16.59 -3.27
N HIS A 303 -11.88 -16.73 -4.17
CA HIS A 303 -11.68 -17.53 -5.35
C HIS A 303 -10.86 -16.79 -6.40
N GLU A 304 -11.19 -15.51 -6.61
CA GLU A 304 -10.44 -14.64 -7.50
C GLU A 304 -8.97 -14.51 -7.07
N ARG A 305 -8.72 -14.54 -5.76
CA ARG A 305 -7.38 -14.51 -5.22
C ARG A 305 -6.62 -15.80 -5.53
N TYR A 306 -7.33 -16.93 -5.55
CA TYR A 306 -6.72 -18.23 -5.92
C TYR A 306 -6.35 -18.25 -7.40
N LEU A 307 -7.25 -17.73 -8.23
CA LEU A 307 -7.01 -17.57 -9.66
C LEU A 307 -5.83 -16.61 -9.94
N ASN A 308 -5.69 -15.57 -9.11
CA ASN A 308 -4.56 -14.65 -9.20
C ASN A 308 -3.20 -15.34 -9.07
N GLU A 309 -3.06 -16.24 -8.11
CA GLU A 309 -1.77 -16.87 -7.89
C GLU A 309 -1.59 -18.20 -8.63
N GLN A 310 -2.59 -18.55 -9.43
CA GLN A 310 -2.58 -19.78 -10.22
C GLN A 310 -1.84 -19.59 -11.54
N ALA A 311 -1.74 -18.34 -12.00
CA ALA A 311 -1.15 -18.06 -13.29
C ALA A 311 -0.28 -16.81 -13.24
N ILE A 312 1.03 -16.98 -13.10
CA ILE A 312 1.93 -15.83 -13.16
C ILE A 312 2.59 -15.65 -14.54
N LEU A 313 2.41 -14.46 -15.10
CA LEU A 313 3.01 -14.12 -16.36
C LEU A 313 4.20 -13.19 -16.12
N LYS A 314 5.35 -13.50 -16.74
CA LYS A 314 6.52 -12.66 -16.60
C LYS A 314 7.13 -12.21 -17.94
N GLY A 315 8.05 -11.27 -17.87
CA GLY A 315 8.67 -10.75 -19.07
C GLY A 315 9.66 -9.63 -18.80
N GLN A 316 10.28 -9.15 -19.87
CA GLN A 316 11.25 -8.05 -19.79
C GLN A 316 10.93 -6.98 -20.79
N SER A 317 11.37 -5.76 -20.50
CA SER A 317 11.05 -4.61 -21.34
C SER A 317 11.99 -3.42 -21.17
N THR A 318 11.91 -2.52 -22.14
CA THR A 318 12.63 -1.24 -22.10
C THR A 318 11.67 -0.06 -22.09
N SER A 319 10.38 -0.35 -22.21
CA SER A 319 9.34 0.68 -22.12
C SER A 319 9.34 1.41 -20.79
N SER A 320 9.38 2.74 -20.84
CA SER A 320 9.39 3.55 -19.64
C SER A 320 7.96 3.85 -19.23
N LEU A 321 7.04 3.49 -20.10
CA LEU A 321 5.62 3.66 -19.85
C LEU A 321 5.05 2.49 -19.03
N LEU A 322 5.71 1.33 -19.09
CA LEU A 322 5.22 0.10 -18.48
C LEU A 322 5.23 0.15 -16.95
N MET A 323 4.08 -0.12 -16.36
CA MET A 323 3.80 0.22 -14.97
C MET A 323 2.76 -0.74 -14.44
N PRO A 324 2.76 -1.00 -13.12
CA PRO A 324 1.64 -1.67 -12.48
C PRO A 324 0.32 -0.91 -12.67
N GLY A 325 -0.72 -1.65 -13.04
CA GLY A 325 -2.03 -1.06 -13.31
C GLY A 325 -2.35 -1.04 -14.78
N LEU A 326 -1.32 -1.03 -15.61
CA LEU A 326 -1.51 -1.03 -17.07
C LEU A 326 -1.93 -2.38 -17.60
N GLU A 327 -2.96 -2.37 -18.45
CA GLU A 327 -3.29 -3.53 -19.27
C GLU A 327 -2.58 -3.37 -20.60
N ILE A 328 -1.68 -4.28 -20.92
CA ILE A 328 -1.00 -4.23 -22.21
C ILE A 328 -1.24 -5.48 -23.03
N LYS A 329 -0.98 -5.38 -24.34
CA LYS A 329 -0.96 -6.57 -25.19
C LYS A 329 0.33 -6.63 -25.99
N VAL A 330 0.62 -7.80 -26.54
CA VAL A 330 1.87 -8.03 -27.27
C VAL A 330 1.60 -8.33 -28.76
N GLN A 331 2.37 -7.70 -29.64
CA GLN A 331 2.31 -7.94 -31.10
C GLN A 331 2.68 -9.38 -31.49
N GLY A 332 3.87 -9.83 -31.12
CA GLY A 332 4.24 -11.24 -31.26
C GLY A 332 4.93 -11.60 -32.57
N ASP A 333 4.45 -12.65 -33.23
CA ASP A 333 3.40 -13.51 -32.68
C ASP A 333 4.01 -14.86 -32.31
N ASP A 334 5.29 -14.84 -31.98
CA ASP A 334 6.00 -16.00 -31.43
C ASP A 334 5.82 -16.01 -29.91
N ALA A 335 5.07 -15.03 -29.42
CA ALA A 335 4.71 -14.87 -28.02
C ALA A 335 3.52 -15.78 -27.71
N PRO A 336 3.53 -16.43 -26.53
CA PRO A 336 2.43 -17.25 -26.02
C PRO A 336 1.05 -16.58 -26.05
N ALA A 337 0.01 -17.41 -26.09
CA ALA A 337 -1.37 -16.99 -26.37
C ALA A 337 -1.92 -15.93 -25.42
N VAL A 338 -1.60 -16.07 -24.12
CA VAL A 338 -2.07 -15.16 -23.07
C VAL A 338 -1.62 -13.72 -23.28
N PHE A 339 -0.37 -13.54 -23.72
CA PHE A 339 0.20 -12.23 -23.97
C PHE A 339 -0.43 -11.53 -25.18
N ARG A 340 -1.01 -12.30 -26.08
CA ARG A 340 -1.72 -11.72 -27.22
C ARG A 340 -3.13 -11.29 -26.82
N LYS A 341 -3.74 -12.02 -25.87
CA LYS A 341 -5.06 -11.67 -25.32
C LYS A 341 -5.05 -10.34 -24.57
N GLY A 342 -3.98 -10.09 -23.83
CA GLY A 342 -3.90 -8.92 -22.96
C GLY A 342 -3.54 -9.34 -21.55
N VAL A 343 -2.58 -8.64 -20.95
CA VAL A 343 -2.15 -8.98 -19.60
C VAL A 343 -2.15 -7.74 -18.72
N LEU A 344 -2.42 -7.95 -17.43
CA LEU A 344 -2.46 -6.84 -16.48
C LEU A 344 -1.18 -6.89 -15.70
N ILE A 345 -0.43 -5.79 -15.73
CA ILE A 345 0.82 -5.71 -15.01
C ILE A 345 0.55 -5.53 -13.53
N THR A 346 1.04 -6.48 -12.73
CA THR A 346 0.91 -6.42 -11.29
C THR A 346 2.18 -5.89 -10.62
N GLY A 347 3.32 -5.99 -11.28
CA GLY A 347 4.58 -5.61 -10.66
C GLY A 347 5.69 -5.38 -11.67
N VAL A 348 6.64 -4.49 -11.35
CA VAL A 348 7.87 -4.32 -12.13
C VAL A 348 9.10 -4.18 -11.22
N THR A 349 10.22 -4.76 -11.64
CA THR A 349 11.52 -4.44 -11.04
C THR A 349 12.29 -3.65 -12.11
N THR A 350 13.14 -2.71 -11.69
CA THR A 350 13.46 -1.62 -12.57
C THR A 350 14.91 -1.19 -12.34
N SER A 351 15.63 -0.90 -13.42
CA SER A 351 17.08 -0.60 -13.31
C SER A 351 17.71 0.24 -14.44
N ALA A 352 18.81 0.92 -14.10
CA ALA A 352 19.71 1.54 -15.07
C ALA A 352 21.00 1.91 -14.39
N ALA A 353 21.94 2.34 -15.22
CA ALA A 353 23.20 2.90 -14.75
C ALA A 353 23.68 3.75 -15.90
N ARG A 354 24.68 4.59 -15.64
CA ARG A 354 25.28 5.42 -16.70
C ARG A 354 25.89 4.60 -17.85
N ASP A 355 26.37 3.39 -17.54
CA ASP A 355 26.89 2.48 -18.54
C ASP A 355 25.98 1.31 -18.90
N ARG A 356 24.67 1.43 -18.70
CA ARG A 356 23.78 0.28 -18.93
C ARG A 356 22.40 0.64 -19.45
N SER A 357 21.79 1.59 -18.76
CA SER A 357 20.43 2.07 -19.05
C SER A 357 19.27 1.06 -18.99
N TYR A 358 18.10 1.57 -19.36
CA TYR A 358 16.84 1.13 -18.77
C TYR A 358 16.30 -0.21 -19.20
N GLU A 359 16.08 -1.06 -18.20
CA GLU A 359 15.51 -2.38 -18.41
C GLU A 359 14.60 -2.69 -17.22
N LEU A 360 13.47 -3.34 -17.48
CA LEU A 360 12.62 -3.81 -16.39
C LEU A 360 12.15 -5.25 -16.56
N THR A 361 12.06 -6.00 -15.47
CA THR A 361 11.33 -7.27 -15.49
C THR A 361 9.93 -7.01 -14.93
N PHE A 362 8.89 -7.60 -15.52
CA PHE A 362 7.55 -7.43 -14.98
C PHE A 362 6.88 -8.74 -14.58
N THR A 363 6.02 -8.71 -13.56
CA THR A 363 5.11 -9.83 -13.30
C THR A 363 3.75 -9.36 -13.78
N ALA A 364 2.85 -10.30 -14.05
CA ALA A 364 1.55 -9.96 -14.64
C ALA A 364 0.52 -11.09 -14.48
N ILE A 365 -0.73 -10.78 -14.76
CA ILE A 365 -1.78 -11.81 -14.76
C ILE A 365 -2.58 -11.59 -16.04
N PRO A 366 -3.22 -12.66 -16.56
CA PRO A 366 -4.02 -12.51 -17.76
C PRO A 366 -5.21 -11.60 -17.54
N TYR A 367 -5.64 -10.89 -18.58
CA TYR A 367 -6.94 -10.26 -18.58
C TYR A 367 -7.99 -11.38 -18.62
N SER A 368 -9.09 -11.16 -17.91
CA SER A 368 -10.20 -12.09 -17.90
C SER A 368 -11.43 -11.30 -17.58
N GLU A 369 -12.60 -11.81 -17.97
CA GLU A 369 -13.84 -11.11 -17.65
C GLU A 369 -14.54 -11.77 -16.47
N ARG A 370 -14.04 -12.92 -16.05
CA ARG A 370 -14.66 -13.60 -14.93
C ARG A 370 -13.83 -13.63 -13.65
N TYR A 371 -12.70 -12.92 -13.64
CA TYR A 371 -12.02 -12.52 -12.40
C TYR A 371 -11.17 -11.27 -12.59
N GLY A 372 -10.75 -10.67 -11.48
CA GLY A 372 -9.92 -9.45 -11.49
C GLY A 372 -8.71 -9.56 -10.58
N TYR A 373 -7.91 -8.50 -10.49
CA TYR A 373 -6.75 -8.51 -9.60
C TYR A 373 -7.21 -8.45 -8.15
N ARG A 374 -6.53 -9.20 -7.28
CA ARG A 374 -6.78 -9.21 -5.86
C ARG A 374 -5.44 -9.34 -5.15
N PRO A 375 -5.16 -8.51 -4.13
CA PRO A 375 -3.90 -8.57 -3.41
C PRO A 375 -3.82 -9.73 -2.46
N ALA A 376 -2.62 -10.04 -2.01
CA ALA A 376 -2.43 -11.04 -0.98
C ALA A 376 -3.11 -10.61 0.33
N LEU A 377 -3.71 -11.60 0.98
CA LEU A 377 -4.43 -11.46 2.22
C LEU A 377 -3.40 -11.25 3.34
N ILE A 378 -3.44 -10.10 4.00
CA ILE A 378 -2.60 -9.87 5.18
C ILE A 378 -3.30 -10.48 6.38
N PRO A 379 -2.61 -11.39 7.09
CA PRO A 379 -3.19 -12.11 8.23
C PRO A 379 -3.66 -11.20 9.36
N ARG A 380 -4.73 -11.60 10.04
CA ARG A 380 -5.27 -10.86 11.17
C ARG A 380 -4.35 -10.97 12.37
N PRO A 381 -4.30 -9.93 13.20
CA PRO A 381 -3.52 -10.11 14.42
C PRO A 381 -4.18 -11.13 15.37
N VAL A 382 -3.35 -11.87 16.09
CA VAL A 382 -3.85 -12.96 16.90
C VAL A 382 -3.96 -12.47 18.34
N MET A 383 -5.19 -12.45 18.85
CA MET A 383 -5.45 -11.91 20.18
C MET A 383 -5.41 -13.02 21.21
N ALA A 384 -4.24 -13.17 21.82
CA ALA A 384 -4.03 -14.11 22.90
C ALA A 384 -4.19 -13.33 24.17
N GLY A 385 -4.57 -14.01 25.23
CA GLY A 385 -4.79 -13.30 26.49
C GLY A 385 -5.97 -12.33 26.44
N THR A 386 -6.04 -11.49 27.45
CA THR A 386 -7.22 -10.72 27.70
C THR A 386 -6.91 -9.23 27.79
N LEU A 387 -7.86 -8.38 27.45
CA LEU A 387 -7.63 -6.93 27.61
C LEU A 387 -8.45 -6.39 28.78
N PRO A 388 -7.80 -5.61 29.65
CA PRO A 388 -8.55 -4.96 30.72
C PRO A 388 -9.40 -3.83 30.18
N ALA A 389 -10.60 -3.66 30.72
CA ALA A 389 -11.42 -2.52 30.37
C ALA A 389 -12.17 -2.00 31.59
N ARG A 390 -12.66 -0.78 31.50
CA ARG A 390 -13.52 -0.21 32.53
C ARG A 390 -14.89 0.01 31.95
N VAL A 391 -15.91 -0.50 32.63
CA VAL A 391 -17.31 -0.23 32.26
C VAL A 391 -17.63 1.24 32.53
N THR A 392 -18.19 1.91 31.53
CA THR A 392 -18.55 3.33 31.64
C THR A 392 -20.06 3.50 31.79
N SER A 393 -20.48 4.76 31.98
CA SER A 393 -21.88 5.08 32.17
C SER A 393 -22.33 6.27 31.32
N ASP A 398 -24.49 7.73 34.37
CA ASP A 398 -23.74 8.20 35.53
C ASP A 398 -24.57 7.99 36.81
N ILE A 399 -24.35 6.91 37.58
CA ILE A 399 -23.25 5.94 37.43
C ILE A 399 -23.69 4.47 37.45
N TYR A 400 -24.67 4.10 36.63
CA TYR A 400 -25.18 2.73 36.72
C TYR A 400 -24.65 1.70 35.72
N ALA A 401 -24.50 2.13 34.47
CA ALA A 401 -23.94 1.38 33.33
C ALA A 401 -24.48 2.01 32.05
N HIS A 402 -23.61 2.29 31.10
CA HIS A 402 -24.06 2.60 29.75
C HIS A 402 -24.34 1.25 29.12
N ILE A 403 -25.60 0.99 28.83
CA ILE A 403 -26.03 -0.31 28.33
C ILE A 403 -27.23 -0.14 27.39
N ASP A 404 -27.03 -0.50 26.13
CA ASP A 404 -28.07 -0.35 25.11
C ASP A 404 -28.91 -1.62 24.98
N LYS A 405 -29.87 -1.58 24.06
CA LYS A 405 -30.96 -2.56 24.00
C LYS A 405 -30.57 -3.97 23.54
N ASP A 406 -29.45 -4.48 24.08
CA ASP A 406 -28.95 -5.82 23.79
C ASP A 406 -28.10 -6.36 24.94
N GLY A 407 -27.60 -5.42 25.76
CA GLY A 407 -26.74 -5.69 26.93
C GLY A 407 -25.57 -6.67 26.83
N ARG A 408 -24.42 -6.34 26.23
CA ARG A 408 -24.02 -5.09 25.52
C ARG A 408 -23.69 -3.82 26.33
N TYR A 409 -22.68 -3.95 27.20
CA TYR A 409 -22.09 -2.81 27.90
C TYR A 409 -21.20 -2.01 26.96
N ARG A 410 -21.09 -0.70 27.18
CA ARG A 410 -20.04 0.09 26.52
C ARG A 410 -18.84 0.18 27.43
N VAL A 411 -17.71 -0.32 26.93
CA VAL A 411 -16.56 -0.49 27.76
C VAL A 411 -15.39 0.34 27.23
N ASN A 412 -14.50 0.74 28.12
CA ASN A 412 -13.44 1.68 27.81
C ASN A 412 -12.12 1.05 28.17
N LEU A 413 -11.17 1.05 27.23
CA LEU A 413 -9.90 0.34 27.49
C LEU A 413 -8.59 1.15 27.38
N ASP A 414 -8.69 2.46 27.57
CA ASP A 414 -7.52 3.31 27.70
C ASP A 414 -7.11 3.31 29.17
N PHE A 415 -5.80 3.33 29.43
CA PHE A 415 -5.30 3.36 30.81
C PHE A 415 -4.21 4.39 31.02
N ARG A 417 -1.20 4.87 29.85
CA ARG A 417 -0.64 4.49 28.55
C ARG A 417 -1.52 5.01 27.41
N ASP A 418 -1.10 6.10 26.79
CA ASP A 418 -1.81 6.70 25.65
C ASP A 418 -1.56 5.93 24.33
N THR A 419 -1.88 4.64 24.34
CA THR A 419 -1.71 3.78 23.18
C THR A 419 -2.96 3.80 22.31
N TRP A 420 -4.00 4.47 22.80
CA TRP A 420 -5.28 4.55 22.11
C TRP A 420 -5.51 5.94 21.51
N LYS A 421 -5.93 5.95 20.24
CA LYS A 421 -6.33 7.19 19.57
C LYS A 421 -7.51 7.84 20.29
N PRO A 422 -7.49 9.19 20.42
CA PRO A 422 -8.52 9.98 21.11
C PRO A 422 -9.93 9.71 20.61
N GLY A 423 -10.82 9.31 21.52
CA GLY A 423 -12.21 9.02 21.20
C GLY A 423 -12.42 7.72 20.45
N TYR A 424 -11.36 6.90 20.41
CA TYR A 424 -11.41 5.63 19.72
C TYR A 424 -11.12 4.51 20.69
N GLU A 425 -11.34 4.78 21.97
CA GLU A 425 -11.01 3.86 23.06
C GLU A 425 -12.21 3.05 23.52
N SER A 426 -13.37 3.27 22.92
CA SER A 426 -14.56 2.69 23.52
C SER A 426 -15.17 1.56 22.69
N LEU A 427 -15.71 0.57 23.38
CA LEU A 427 -16.01 -0.71 22.76
C LEU A 427 -17.34 -1.26 23.28
N TRP A 428 -18.21 -1.67 22.37
CA TRP A 428 -19.53 -2.22 22.70
C TRP A 428 -19.47 -3.72 22.84
N VAL A 429 -19.66 -4.22 24.05
CA VAL A 429 -19.30 -5.60 24.33
C VAL A 429 -20.28 -6.39 25.23
N ARG A 430 -20.46 -7.68 24.92
CA ARG A 430 -21.33 -8.54 25.72
C ARG A 430 -20.55 -9.35 26.74
N LEU A 446 -23.44 -5.25 38.33
CA LEU A 446 -23.49 -4.88 36.92
C LEU A 446 -22.39 -3.97 36.29
N LEU A 447 -21.81 -2.95 36.93
CA LEU A 447 -21.81 -2.64 38.37
C LEU A 447 -21.82 -1.13 38.80
N ALA A 448 -21.33 -0.11 38.06
CA ALA A 448 -20.51 -0.12 36.84
C ALA A 448 -19.55 1.09 36.74
N GLY A 449 -18.38 0.95 37.34
CA GLY A 449 -17.16 1.67 36.98
C GLY A 449 -16.13 0.55 37.08
N THR A 450 -16.65 -0.68 36.99
CA THR A 450 -15.92 -1.88 37.33
C THR A 450 -14.96 -2.31 36.22
N GLU A 451 -13.91 -3.02 36.61
CA GLU A 451 -12.87 -3.47 35.67
C GLU A 451 -13.15 -4.87 35.17
N VAL A 452 -13.23 -5.02 33.85
CA VAL A 452 -13.51 -6.32 33.26
C VAL A 452 -12.36 -6.83 32.39
N SER A 453 -12.45 -8.09 32.01
CA SER A 453 -11.49 -8.68 31.11
C SER A 453 -12.15 -8.95 29.78
N ILE A 454 -11.53 -8.46 28.71
CA ILE A 454 -12.05 -8.67 27.37
C ILE A 454 -11.29 -9.79 26.64
N ALA A 455 -12.06 -10.78 26.17
CA ALA A 455 -11.50 -11.91 25.46
C ALA A 455 -12.04 -11.91 24.04
N PHE A 456 -11.44 -12.72 23.18
CA PHE A 456 -11.70 -12.63 21.75
C PHE A 456 -11.89 -13.99 21.19
N GLU A 457 -13.04 -14.19 20.57
CA GLU A 457 -13.43 -15.49 20.09
C GLU A 457 -12.53 -15.89 18.91
N GLU A 458 -11.92 -17.07 19.02
CA GLU A 458 -10.79 -17.55 18.18
C GLU A 458 -9.67 -16.55 17.83
N GLY A 459 -9.32 -15.68 18.78
CA GLY A 459 -8.22 -14.74 18.60
C GLY A 459 -8.54 -13.56 17.71
N ASN A 460 -9.78 -13.51 17.22
CA ASN A 460 -10.23 -12.47 16.32
C ASN A 460 -10.53 -11.16 17.07
N PRO A 461 -9.86 -10.06 16.68
CA PRO A 461 -10.03 -8.75 17.32
C PRO A 461 -11.41 -8.15 17.14
N ASP A 462 -12.18 -8.65 16.17
CA ASP A 462 -13.53 -8.17 15.93
C ASP A 462 -14.61 -9.10 16.51
N ARG A 463 -14.22 -9.94 17.46
CA ARG A 463 -15.19 -10.72 18.20
C ARG A 463 -14.98 -10.64 19.70
N PRO A 464 -15.12 -9.43 20.28
CA PRO A 464 -14.79 -9.37 21.69
C PRO A 464 -15.97 -9.72 22.60
N TYR A 465 -15.66 -10.21 23.79
CA TYR A 465 -16.67 -10.46 24.79
C TYR A 465 -16.07 -10.30 26.17
N ILE A 466 -16.93 -10.18 27.19
CA ILE A 466 -16.49 -10.09 28.59
C ILE A 466 -16.24 -11.47 29.17
N ALA A 467 -15.06 -11.70 29.73
CA ALA A 467 -14.70 -13.04 30.20
C ALA A 467 -15.19 -13.52 31.59
N GLY A 468 -14.99 -12.83 32.73
CA GLY A 468 -14.06 -11.73 32.94
C GLY A 468 -14.50 -10.53 33.77
N VAL A 469 -14.59 -10.66 35.10
CA VAL A 469 -14.68 -9.47 35.99
C VAL A 469 -13.50 -9.41 36.98
N LYS A 470 -12.79 -8.29 37.03
CA LYS A 470 -11.61 -8.21 37.90
C LYS A 470 -11.93 -7.71 39.30
#